data_2EO7
#
_entry.id   2EO7
#
_cell.length_a   47.911
_cell.length_b   59.134
_cell.length_c   170.440
_cell.angle_alpha   90.00
_cell.angle_beta   90.00
_cell.angle_gamma   90.00
#
_symmetry.space_group_name_H-M   'P 21 21 21'
#
loop_
_entity.id
_entity.type
_entity.pdbx_description
1 polymer Endoglucanase
2 branched beta-D-glucopyranose-(1-4)-beta-D-glucopyranose-(1-4)-beta-D-glucopyranose-(1-4)-beta-D-glucopyranose
3 non-polymer GLYCEROL
4 non-polymer 'ZINC ION'
5 non-polymer 'CALCIUM ION'
6 non-polymer 'CHLORIDE ION'
7 water water
#
_entity_poly.entity_id   1
_entity_poly.type   'polypeptide(L)'
_entity_poly.pdbx_seq_one_letter_code
;GSRSEPAKVVDIRIDTSAERKPISPYIYGSNQELDATVTAKRFGGNRTTGYNWENNFSNAGSDWLHYSDTYLLEDGGVPK
GEWSTPASVVTTFHDKALSKNVPYTLITLQAAGYVSADGNGPVSQEETAPSSRWKEVKFEKGAPFSLTPDTEDDYVYMDE
FVNYLVNKYGNASTPTGIKGYSIDNEPALWSHTHPRIHPDNVTAKELIEKSVALSKAVKKVDPYAEIFGPALYGFAAYET
LQSAPDWGTEGEGYRWFIDYYLDKMKKASDEEGKRLLDVLDVHWYPEARGGGERICFGADPRNIETNKARLQAPRTLWDP
TYIEDSWIGQWKKDFLPILPNLLDSIEKYYPGTKLAITEYDYGGGNHITGGIAQADVLGIFGKYGVYLATFWGDASNNYT
EAGINLYTNYDGKGGKFGDTSVKCETSDIEVSSAYASIVGEDDSKLHIILLNKNYDQPTTFNFSIDSSKNYTIGNVWAFD
RGSSNITQRTPIVNIKDNTFTYTVPALTACHIVLEAAEP
;
_entity_poly.pdbx_strand_id   A
#
# COMPACT_ATOMS: atom_id res chain seq x y z
N ALA A 7 -23.14 -19.83 23.64
CA ALA A 7 -21.81 -19.21 23.92
C ALA A 7 -20.79 -19.63 22.87
N LYS A 8 -20.19 -18.65 22.21
CA LYS A 8 -19.19 -18.90 21.18
C LYS A 8 -17.82 -18.96 21.86
N VAL A 9 -17.14 -20.10 21.71
CA VAL A 9 -15.84 -20.33 22.34
C VAL A 9 -14.80 -20.64 21.26
N VAL A 10 -13.70 -19.91 21.30
CA VAL A 10 -12.63 -20.06 20.31
C VAL A 10 -11.28 -20.24 21.00
N ASP A 11 -10.48 -21.18 20.50
CA ASP A 11 -9.16 -21.41 21.09
C ASP A 11 -8.09 -20.68 20.27
N ILE A 12 -7.18 -20.00 20.95
CA ILE A 12 -6.09 -19.30 20.27
C ILE A 12 -4.80 -19.96 20.78
N ARG A 13 -3.96 -20.43 19.86
N ARG A 13 -3.96 -20.42 19.85
CA ARG A 13 -2.71 -21.06 20.24
CA ARG A 13 -2.71 -21.08 20.21
C ARG A 13 -1.53 -20.31 19.65
C ARG A 13 -1.51 -20.32 19.65
N ILE A 14 -0.63 -19.87 20.53
CA ILE A 14 0.55 -19.12 20.10
C ILE A 14 1.83 -19.83 20.53
N ASP A 15 2.84 -19.80 19.66
CA ASP A 15 4.15 -20.39 19.97
C ASP A 15 5.17 -19.32 19.57
N THR A 16 5.71 -18.64 20.57
CA THR A 16 6.64 -17.55 20.33
C THR A 16 7.97 -17.95 19.72
N SER A 17 8.26 -19.24 19.71
N SER A 17 8.26 -19.24 19.71
CA SER A 17 9.52 -19.72 19.13
CA SER A 17 9.52 -19.70 19.13
C SER A 17 9.34 -20.20 17.70
C SER A 17 9.35 -20.18 17.69
N ALA A 18 8.08 -20.31 17.27
CA ALA A 18 7.79 -20.80 15.93
C ALA A 18 7.42 -19.80 14.85
N GLU A 19 7.82 -20.13 13.62
CA GLU A 19 7.51 -19.32 12.47
C GLU A 19 7.87 -17.85 12.61
N ARG A 20 8.98 -17.57 13.27
CA ARG A 20 9.42 -16.20 13.44
C ARG A 20 9.80 -15.60 12.10
N LYS A 21 9.25 -14.44 11.81
N LYS A 21 9.24 -14.43 11.82
CA LYS A 21 9.56 -13.74 10.57
CA LYS A 21 9.48 -13.74 10.55
C LYS A 21 9.41 -12.25 10.81
C LYS A 21 9.35 -12.24 10.78
N PRO A 22 10.29 -11.44 10.21
CA PRO A 22 10.19 -10.01 10.40
C PRO A 22 8.98 -9.40 9.72
N ILE A 23 8.36 -8.44 10.39
CA ILE A 23 7.22 -7.73 9.82
C ILE A 23 7.83 -6.43 9.30
N SER A 24 7.70 -6.17 8.00
CA SER A 24 8.27 -4.94 7.46
C SER A 24 7.61 -3.75 8.13
N PRO A 25 8.41 -2.80 8.60
CA PRO A 25 7.81 -1.65 9.27
C PRO A 25 6.99 -0.74 8.37
N TYR A 26 7.12 -0.90 7.05
CA TYR A 26 6.43 0.00 6.12
C TYR A 26 5.02 -0.39 5.66
N ILE A 27 4.45 -1.44 6.25
CA ILE A 27 3.11 -1.84 5.85
C ILE A 27 2.01 -0.96 6.42
N TYR A 28 2.36 -0.07 7.35
CA TYR A 28 1.37 0.78 7.98
C TYR A 28 1.33 2.20 7.41
N GLY A 29 1.36 2.31 6.09
CA GLY A 29 1.37 3.63 5.48
C GLY A 29 0.07 4.16 4.90
N SER A 30 0.14 5.37 4.37
CA SER A 30 -1.01 6.01 3.75
C SER A 30 -0.55 6.90 2.62
N ASN A 31 -1.51 7.25 1.77
CA ASN A 31 -1.31 8.16 0.63
C ASN A 31 -1.71 9.58 1.04
N GLN A 32 -2.81 9.66 1.80
CA GLN A 32 -3.34 10.95 2.27
C GLN A 32 -2.87 11.28 3.69
N GLU A 33 -3.19 12.49 4.14
CA GLU A 33 -2.81 12.93 5.49
C GLU A 33 -3.91 12.42 6.43
N LEU A 34 -3.54 11.44 7.26
CA LEU A 34 -4.50 10.80 8.16
C LEU A 34 -4.33 11.19 9.61
N ASP A 35 -5.38 10.92 10.38
CA ASP A 35 -5.38 11.13 11.83
C ASP A 35 -4.93 9.77 12.39
N ALA A 36 -3.71 9.40 12.04
CA ALA A 36 -3.13 8.14 12.49
C ALA A 36 -1.64 8.23 12.32
N THR A 37 -0.93 7.44 13.12
CA THR A 37 0.51 7.39 13.03
C THR A 37 0.79 6.41 11.91
N VAL A 38 1.47 6.86 10.86
CA VAL A 38 1.77 5.98 9.74
C VAL A 38 3.26 5.79 9.60
N THR A 39 3.66 4.72 8.92
CA THR A 39 5.07 4.41 8.78
C THR A 39 5.61 4.51 7.35
N ALA A 40 4.76 4.93 6.42
CA ALA A 40 5.18 5.12 5.02
C ALA A 40 4.22 6.10 4.41
N LYS A 41 4.74 6.95 3.51
CA LYS A 41 3.92 7.92 2.81
C LYS A 41 4.17 7.82 1.31
N ARG A 42 3.10 7.69 0.54
CA ARG A 42 3.22 7.59 -0.90
C ARG A 42 2.62 8.82 -1.58
N PHE A 43 3.40 9.40 -2.50
CA PHE A 43 2.98 10.53 -3.32
C PHE A 43 2.64 9.80 -4.61
N GLY A 44 1.35 9.56 -4.85
CA GLY A 44 0.97 8.84 -6.03
C GLY A 44 -0.47 9.03 -6.41
N GLY A 45 -0.98 8.20 -7.31
CA GLY A 45 -2.35 8.36 -7.72
C GLY A 45 -2.43 9.12 -9.04
N ASN A 46 -3.66 9.30 -9.52
CA ASN A 46 -3.89 9.91 -10.81
C ASN A 46 -3.20 11.24 -11.08
N ARG A 47 -3.20 12.14 -10.11
CA ARG A 47 -2.59 13.44 -10.30
C ARG A 47 -1.08 13.42 -10.52
N THR A 48 -0.42 12.33 -10.15
CA THR A 48 1.03 12.30 -10.28
C THR A 48 1.57 11.94 -11.67
N THR A 49 0.71 11.39 -12.53
CA THR A 49 1.16 10.99 -13.86
C THR A 49 1.66 12.17 -14.71
N GLY A 50 0.92 13.28 -14.65
CA GLY A 50 1.30 14.47 -15.41
C GLY A 50 1.95 15.57 -14.59
N TYR A 51 2.42 15.23 -13.39
CA TYR A 51 3.09 16.21 -12.52
C TYR A 51 4.43 16.64 -13.12
N ASN A 52 4.65 17.94 -13.23
CA ASN A 52 5.89 18.49 -13.79
C ASN A 52 6.72 19.06 -12.63
N TRP A 53 7.78 18.35 -12.23
CA TRP A 53 8.59 18.81 -11.10
C TRP A 53 9.23 20.18 -11.31
N GLU A 54 9.41 20.59 -12.57
CA GLU A 54 10.02 21.87 -12.84
C GLU A 54 9.18 23.06 -12.42
N ASN A 55 7.85 22.94 -12.52
CA ASN A 55 6.97 24.04 -12.14
C ASN A 55 5.78 23.66 -11.25
N ASN A 56 5.69 22.39 -10.86
CA ASN A 56 4.65 21.87 -9.98
C ASN A 56 3.23 21.78 -10.53
N PHE A 57 3.05 22.03 -11.82
CA PHE A 57 1.73 21.92 -12.41
C PHE A 57 1.44 20.43 -12.63
N SER A 58 0.16 20.09 -12.72
CA SER A 58 -0.23 18.71 -12.95
C SER A 58 -1.59 18.71 -13.62
N ASN A 59 -2.02 17.56 -14.13
CA ASN A 59 -3.30 17.48 -14.83
C ASN A 59 -4.25 16.48 -14.18
N ALA A 60 -5.51 16.88 -14.00
CA ALA A 60 -6.52 16.03 -13.39
C ALA A 60 -6.96 14.85 -14.24
N GLY A 61 -6.73 14.92 -15.54
CA GLY A 61 -7.17 13.84 -16.40
C GLY A 61 -8.69 13.74 -16.32
N SER A 62 -9.22 12.54 -16.51
N SER A 62 -9.23 12.54 -16.52
CA SER A 62 -10.67 12.33 -16.50
CA SER A 62 -10.68 12.37 -16.50
C SER A 62 -11.31 12.61 -15.14
C SER A 62 -11.31 12.61 -15.14
N ASP A 63 -10.50 12.81 -14.10
CA ASP A 63 -11.05 13.07 -12.78
C ASP A 63 -11.68 14.47 -12.77
N TRP A 64 -11.16 15.37 -13.60
CA TRP A 64 -11.74 16.71 -13.67
C TRP A 64 -11.45 17.51 -14.94
N LEU A 65 -12.16 17.15 -16.00
CA LEU A 65 -12.10 17.85 -17.28
C LEU A 65 -10.70 18.10 -17.86
N HIS A 66 -9.75 17.23 -17.53
CA HIS A 66 -8.37 17.32 -18.03
C HIS A 66 -7.75 18.69 -17.77
N TYR A 67 -8.04 19.25 -16.60
CA TYR A 67 -7.51 20.54 -16.19
C TYR A 67 -6.04 20.47 -15.77
N SER A 68 -5.22 21.39 -16.27
CA SER A 68 -3.84 21.49 -15.83
C SER A 68 -3.90 22.67 -14.88
N ASP A 69 -3.45 22.48 -13.64
CA ASP A 69 -3.52 23.56 -12.66
C ASP A 69 -2.55 23.37 -11.48
N THR A 70 -2.80 24.11 -10.40
CA THR A 70 -1.94 24.08 -9.23
C THR A 70 -2.51 23.21 -8.11
N TYR A 71 -3.42 22.33 -8.46
CA TYR A 71 -4.06 21.46 -7.47
C TYR A 71 -3.10 20.81 -6.47
N LEU A 72 -2.02 20.20 -6.93
CA LEU A 72 -1.12 19.53 -6.00
C LEU A 72 -0.43 20.49 -5.03
N LEU A 73 -0.20 21.73 -5.47
CA LEU A 73 0.43 22.73 -4.60
C LEU A 73 -0.58 23.08 -3.51
N GLU A 74 -1.82 23.28 -3.92
CA GLU A 74 -2.88 23.63 -2.97
C GLU A 74 -3.20 22.49 -2.01
N ASP A 75 -3.45 21.30 -2.55
CA ASP A 75 -3.80 20.16 -1.74
C ASP A 75 -2.65 19.70 -0.85
N GLY A 76 -1.42 19.91 -1.30
CA GLY A 76 -0.27 19.51 -0.51
C GLY A 76 0.10 20.50 0.57
N GLY A 77 -0.56 21.66 0.56
CA GLY A 77 -0.28 22.67 1.56
C GLY A 77 1.06 23.35 1.34
N VAL A 78 1.47 23.47 0.08
CA VAL A 78 2.75 24.10 -0.22
C VAL A 78 2.64 25.62 -0.03
N PRO A 79 3.59 26.22 0.70
CA PRO A 79 3.57 27.66 0.92
C PRO A 79 3.64 28.41 -0.42
N LYS A 80 2.77 29.40 -0.57
CA LYS A 80 2.70 30.19 -1.80
C LYS A 80 4.04 30.65 -2.32
N GLY A 81 4.95 31.02 -1.41
CA GLY A 81 6.25 31.50 -1.83
C GLY A 81 7.16 30.43 -2.43
N GLU A 82 6.72 29.18 -2.36
N GLU A 82 6.73 29.17 -2.35
CA GLU A 82 7.52 28.08 -2.90
CA GLU A 82 7.53 28.07 -2.90
C GLU A 82 6.87 27.46 -4.14
C GLU A 82 6.87 27.46 -4.13
N TRP A 83 5.71 27.99 -4.51
CA TRP A 83 4.99 27.46 -5.67
C TRP A 83 5.81 27.38 -6.96
N SER A 84 6.73 28.32 -7.14
CA SER A 84 7.57 28.32 -8.34
C SER A 84 8.90 27.60 -8.14
N THR A 85 9.14 27.08 -6.93
CA THR A 85 10.38 26.37 -6.64
C THR A 85 10.26 24.94 -7.15
N PRO A 86 11.27 24.47 -7.92
CA PRO A 86 11.23 23.11 -8.44
C PRO A 86 10.98 22.07 -7.35
N ALA A 87 10.09 21.13 -7.66
CA ALA A 87 9.74 20.03 -6.77
C ALA A 87 9.15 20.40 -5.40
N SER A 88 8.67 21.62 -5.23
CA SER A 88 8.13 22.02 -3.94
C SER A 88 6.97 21.11 -3.49
N VAL A 89 6.22 20.58 -4.44
CA VAL A 89 5.13 19.68 -4.08
C VAL A 89 5.73 18.46 -3.39
N VAL A 90 6.79 17.92 -3.97
CA VAL A 90 7.43 16.73 -3.41
C VAL A 90 8.29 17.00 -2.19
N THR A 91 8.99 18.12 -2.14
CA THR A 91 9.81 18.37 -0.95
C THR A 91 8.90 18.71 0.24
N THR A 92 7.77 19.36 -0.04
CA THR A 92 6.82 19.66 1.05
C THR A 92 6.28 18.32 1.58
N PHE A 93 5.94 17.43 0.65
CA PHE A 93 5.44 16.10 0.98
C PHE A 93 6.44 15.32 1.84
N HIS A 94 7.71 15.26 1.41
CA HIS A 94 8.72 14.53 2.16
C HIS A 94 9.08 15.25 3.45
N ASP A 95 9.11 16.58 3.43
CA ASP A 95 9.41 17.31 4.65
C ASP A 95 8.37 16.95 5.72
N LYS A 96 7.10 16.93 5.32
CA LYS A 96 6.03 16.59 6.24
C LYS A 96 6.20 15.17 6.78
N ALA A 97 6.54 14.23 5.91
CA ALA A 97 6.74 12.86 6.35
C ALA A 97 7.89 12.81 7.37
N LEU A 98 8.98 13.49 7.07
CA LEU A 98 10.13 13.51 7.97
C LEU A 98 9.75 14.12 9.32
N SER A 99 8.95 15.17 9.29
CA SER A 99 8.53 15.85 10.52
C SER A 99 7.62 14.98 11.38
N LYS A 100 7.03 13.97 10.77
CA LYS A 100 6.13 13.06 11.48
C LYS A 100 6.83 11.74 11.81
N ASN A 101 8.15 11.74 11.64
N ASN A 101 8.15 11.73 11.63
CA ASN A 101 8.96 10.56 11.93
CA ASN A 101 8.97 10.56 11.91
C ASN A 101 8.57 9.37 11.06
C ASN A 101 8.59 9.36 11.05
N VAL A 102 8.20 9.63 9.81
CA VAL A 102 7.82 8.56 8.88
C VAL A 102 9.12 8.11 8.21
N PRO A 103 9.49 6.83 8.37
CA PRO A 103 10.73 6.29 7.79
C PRO A 103 10.78 6.00 6.29
N TYR A 104 9.64 5.92 5.63
CA TYR A 104 9.66 5.60 4.20
C TYR A 104 8.80 6.54 3.37
N THR A 105 9.42 7.16 2.36
CA THR A 105 8.68 8.04 1.46
C THR A 105 8.83 7.44 0.08
N LEU A 106 7.70 7.28 -0.60
CA LEU A 106 7.65 6.72 -1.95
C LEU A 106 7.16 7.81 -2.88
N ILE A 107 7.98 8.15 -3.88
CA ILE A 107 7.64 9.21 -4.82
C ILE A 107 7.40 8.70 -6.23
N THR A 108 6.25 9.03 -6.78
CA THR A 108 5.93 8.58 -8.13
C THR A 108 6.64 9.45 -9.16
N LEU A 109 7.32 8.79 -10.11
CA LEU A 109 7.99 9.47 -11.20
C LEU A 109 7.08 9.32 -12.42
N GLN A 110 7.32 10.16 -13.42
CA GLN A 110 6.46 10.21 -14.59
C GLN A 110 6.92 9.40 -15.79
N ALA A 111 6.05 8.52 -16.28
CA ALA A 111 6.40 7.68 -17.41
C ALA A 111 5.37 7.62 -18.54
N ALA A 112 4.14 8.05 -18.30
CA ALA A 112 3.13 8.00 -19.35
C ALA A 112 3.64 8.73 -20.58
N GLY A 113 4.48 9.75 -20.39
CA GLY A 113 5.05 10.40 -21.55
C GLY A 113 5.19 11.91 -21.58
N TYR A 114 4.24 12.59 -20.95
CA TYR A 114 4.23 14.04 -20.93
C TYR A 114 3.74 14.54 -19.59
N VAL A 115 4.06 15.78 -19.28
CA VAL A 115 3.63 16.42 -18.05
C VAL A 115 3.19 17.84 -18.35
N SER A 116 2.33 18.38 -17.48
CA SER A 116 1.77 19.72 -17.65
C SER A 116 2.80 20.82 -17.85
N ALA A 117 2.63 21.58 -18.94
CA ALA A 117 3.54 22.68 -19.24
C ALA A 117 3.07 23.94 -18.53
N ASP A 118 1.83 23.93 -18.08
CA ASP A 118 1.24 25.11 -17.47
C ASP A 118 0.12 24.77 -16.51
N GLY A 119 -0.49 25.79 -15.93
CA GLY A 119 -1.61 25.59 -15.02
C GLY A 119 -2.77 26.41 -15.59
N ASN A 120 -2.92 26.36 -16.91
CA ASN A 120 -3.95 27.17 -17.59
C ASN A 120 -5.35 26.62 -17.73
N GLY A 121 -5.66 25.52 -17.04
CA GLY A 121 -7.00 24.98 -17.15
C GLY A 121 -7.13 23.78 -18.07
N PRO A 122 -8.37 23.48 -18.51
CA PRO A 122 -8.64 22.34 -19.39
C PRO A 122 -7.79 22.21 -20.66
N VAL A 123 -7.31 20.99 -20.89
CA VAL A 123 -6.52 20.67 -22.08
C VAL A 123 -7.51 20.04 -23.06
N SER A 124 -7.68 20.65 -24.22
CA SER A 124 -8.63 20.14 -25.21
C SER A 124 -8.16 18.86 -25.86
N GLN A 125 -9.08 18.13 -26.50
CA GLN A 125 -8.66 16.91 -27.16
C GLN A 125 -7.72 17.28 -28.30
N GLU A 126 -7.89 18.48 -28.85
CA GLU A 126 -7.03 18.94 -29.94
C GLU A 126 -5.63 19.28 -29.44
N GLU A 127 -5.48 19.39 -28.12
CA GLU A 127 -4.20 19.68 -27.48
C GLU A 127 -3.58 18.41 -26.87
N THR A 128 -4.06 17.26 -27.31
CA THR A 128 -3.51 15.97 -26.86
C THR A 128 -2.01 16.03 -27.16
N ALA A 129 -1.20 15.53 -26.23
CA ALA A 129 0.25 15.57 -26.41
C ALA A 129 0.72 14.83 -27.65
N PRO A 130 1.75 15.35 -28.32
CA PRO A 130 2.48 16.58 -27.96
C PRO A 130 1.73 17.84 -28.39
N SER A 131 1.85 18.91 -27.59
CA SER A 131 1.23 20.21 -27.89
C SER A 131 1.84 21.21 -26.94
N SER A 132 1.50 22.48 -27.12
CA SER A 132 2.06 23.51 -26.26
C SER A 132 1.64 23.34 -24.80
N ARG A 133 0.61 22.53 -24.57
CA ARG A 133 0.14 22.31 -23.19
C ARG A 133 0.99 21.28 -22.45
N TRP A 134 1.91 20.63 -23.14
CA TRP A 134 2.71 19.59 -22.52
C TRP A 134 4.22 19.71 -22.76
N LYS A 135 4.97 19.08 -21.86
CA LYS A 135 6.42 18.96 -21.96
C LYS A 135 6.67 17.46 -22.06
N GLU A 136 7.57 17.03 -22.93
CA GLU A 136 7.87 15.61 -23.10
C GLU A 136 8.80 15.12 -22.00
N VAL A 137 8.50 13.96 -21.45
CA VAL A 137 9.35 13.39 -20.43
C VAL A 137 10.47 12.56 -21.03
N LYS A 138 11.69 12.77 -20.54
N LYS A 138 11.68 12.77 -20.53
CA LYS A 138 12.83 11.99 -20.97
CA LYS A 138 12.83 11.99 -20.95
C LYS A 138 13.46 11.47 -19.67
C LYS A 138 13.44 11.47 -19.65
N PHE A 139 13.72 10.18 -19.61
CA PHE A 139 14.27 9.58 -18.41
C PHE A 139 15.68 9.99 -18.08
N GLU A 140 16.55 10.05 -19.10
CA GLU A 140 17.94 10.44 -18.92
C GLU A 140 18.26 11.73 -19.66
N LYS A 141 18.77 12.72 -18.95
CA LYS A 141 19.11 14.00 -19.57
C LYS A 141 20.27 13.87 -20.57
N GLY A 142 21.29 13.11 -20.23
CA GLY A 142 22.42 12.95 -21.15
C GLY A 142 23.26 14.20 -21.26
N ALA A 143 23.13 15.07 -20.26
CA ALA A 143 23.88 16.31 -20.17
C ALA A 143 23.91 16.63 -18.68
N PRO A 144 24.84 17.51 -18.24
CA PRO A 144 24.92 17.85 -16.82
C PRO A 144 23.61 18.31 -16.19
N PHE A 145 23.33 17.80 -15.00
CA PHE A 145 22.12 18.18 -14.27
C PHE A 145 22.23 19.60 -13.76
N SER A 146 21.08 20.22 -13.57
CA SER A 146 21.02 21.56 -13.02
C SER A 146 20.02 21.55 -11.87
N LEU A 147 20.31 22.31 -10.82
CA LEU A 147 19.38 22.38 -9.70
C LEU A 147 18.33 23.45 -10.02
N THR A 148 18.49 24.12 -11.16
CA THR A 148 17.53 25.12 -11.64
C THR A 148 17.17 24.69 -13.06
N PRO A 149 16.31 23.68 -13.19
CA PRO A 149 15.90 23.18 -14.50
C PRO A 149 15.32 24.26 -15.42
N ASP A 150 15.57 24.10 -16.71
CA ASP A 150 15.06 25.04 -17.69
C ASP A 150 13.61 24.73 -17.99
N THR A 151 12.72 25.67 -17.68
CA THR A 151 11.29 25.49 -17.90
C THR A 151 10.87 25.95 -19.28
N GLU A 152 11.82 26.52 -20.02
CA GLU A 152 11.53 27.02 -21.36
C GLU A 152 11.71 26.01 -22.48
N ASP A 153 12.49 24.94 -22.24
CA ASP A 153 12.68 23.96 -23.30
C ASP A 153 11.49 23.02 -23.35
N ASP A 154 11.53 22.03 -24.24
CA ASP A 154 10.41 21.10 -24.41
C ASP A 154 10.46 19.81 -23.59
N TYR A 155 11.44 19.68 -22.70
CA TYR A 155 11.58 18.43 -21.96
C TYR A 155 11.69 18.55 -20.46
N VAL A 156 11.33 17.46 -19.79
CA VAL A 156 11.43 17.36 -18.34
C VAL A 156 12.13 16.03 -18.15
N TYR A 157 13.23 16.05 -17.38
CA TYR A 157 14.07 14.88 -17.17
C TYR A 157 13.88 14.22 -15.81
N MET A 158 13.63 12.92 -15.80
CA MET A 158 13.41 12.25 -14.53
C MET A 158 14.69 12.11 -13.71
N ASP A 159 15.83 11.83 -14.35
CA ASP A 159 17.02 11.68 -13.52
C ASP A 159 17.47 13.01 -12.93
N GLU A 160 17.11 14.11 -13.58
CA GLU A 160 17.47 15.42 -13.06
C GLU A 160 16.58 15.71 -11.83
N PHE A 161 15.34 15.21 -11.88
CA PHE A 161 14.37 15.35 -10.80
C PHE A 161 14.93 14.57 -9.61
N VAL A 162 15.34 13.33 -9.83
CA VAL A 162 15.90 12.53 -8.76
C VAL A 162 17.19 13.16 -8.20
N ASN A 163 18.01 13.73 -9.09
CA ASN A 163 19.24 14.38 -8.64
C ASN A 163 18.95 15.54 -7.69
N TYR A 164 17.89 16.29 -8.01
CA TYR A 164 17.49 17.41 -7.19
C TYR A 164 17.12 16.93 -5.78
N LEU A 165 16.38 15.84 -5.71
CA LEU A 165 15.96 15.29 -4.42
C LEU A 165 17.15 14.70 -3.65
N VAL A 166 18.04 14.01 -4.34
CA VAL A 166 19.18 13.40 -3.67
C VAL A 166 20.10 14.51 -3.18
N ASN A 167 20.24 15.57 -3.97
CA ASN A 167 21.08 16.68 -3.54
C ASN A 167 20.55 17.30 -2.25
N LYS A 168 19.22 17.36 -2.13
CA LYS A 168 18.63 17.97 -0.96
C LYS A 168 18.57 17.07 0.27
N TYR A 169 18.24 15.80 0.08
CA TYR A 169 18.06 14.89 1.20
C TYR A 169 19.08 13.80 1.42
N GLY A 170 20.02 13.64 0.49
CA GLY A 170 20.98 12.56 0.59
C GLY A 170 20.36 11.39 -0.18
N ASN A 171 21.12 10.34 -0.47
CA ASN A 171 20.53 9.22 -1.21
C ASN A 171 19.70 8.31 -0.32
N ALA A 172 19.07 7.32 -0.92
CA ALA A 172 18.20 6.40 -0.19
C ALA A 172 18.82 5.63 0.98
N SER A 173 20.15 5.56 1.04
CA SER A 173 20.80 4.83 2.13
C SER A 173 20.93 5.68 3.39
N THR A 174 20.67 6.98 3.25
CA THR A 174 20.79 7.90 4.38
C THR A 174 19.49 8.07 5.15
N PRO A 175 19.57 8.53 6.40
CA PRO A 175 18.37 8.72 7.23
C PRO A 175 17.24 9.59 6.66
N THR A 176 17.57 10.60 5.86
CA THR A 176 16.54 11.48 5.33
C THR A 176 16.25 11.29 3.85
N GLY A 177 16.97 10.38 3.20
CA GLY A 177 16.74 10.19 1.78
C GLY A 177 15.38 9.60 1.43
N ILE A 178 14.94 9.88 0.21
CA ILE A 178 13.68 9.32 -0.27
C ILE A 178 14.07 7.89 -0.65
N LYS A 179 13.39 6.91 -0.05
CA LYS A 179 13.77 5.52 -0.27
C LYS A 179 13.24 4.82 -1.52
N GLY A 180 12.10 5.27 -2.03
CA GLY A 180 11.57 4.59 -3.20
C GLY A 180 10.92 5.49 -4.24
N TYR A 181 10.89 5.01 -5.48
CA TYR A 181 10.29 5.74 -6.59
C TYR A 181 9.40 4.77 -7.32
N SER A 182 8.25 5.26 -7.76
CA SER A 182 7.30 4.42 -8.49
C SER A 182 7.32 4.76 -9.96
N ILE A 183 7.20 3.74 -10.80
N ILE A 183 7.19 3.74 -10.80
CA ILE A 183 7.15 3.93 -12.25
CA ILE A 183 7.15 3.94 -12.24
C ILE A 183 5.72 4.36 -12.57
C ILE A 183 5.72 4.36 -12.57
N ASP A 184 5.44 5.65 -12.41
CA ASP A 184 4.14 6.22 -12.69
C ASP A 184 2.99 5.57 -11.87
N ASN A 185 1.79 5.59 -12.42
CA ASN A 185 0.59 5.10 -11.71
C ASN A 185 -0.41 4.47 -12.68
N GLU A 186 -0.87 3.25 -12.37
CA GLU A 186 -1.90 2.57 -13.16
C GLU A 186 -1.77 2.75 -14.67
N PRO A 187 -0.69 2.20 -15.25
CA PRO A 187 -0.44 2.30 -16.68
C PRO A 187 -1.55 1.76 -17.58
N ALA A 188 -2.20 0.67 -17.15
CA ALA A 188 -3.27 0.11 -17.98
C ALA A 188 -4.48 1.02 -18.03
N LEU A 189 -4.51 2.04 -17.16
CA LEU A 189 -5.61 3.01 -17.20
C LEU A 189 -5.14 4.35 -17.76
N TRP A 190 -3.89 4.44 -18.24
CA TRP A 190 -3.45 5.71 -18.80
C TRP A 190 -4.39 6.20 -19.91
N SER A 191 -4.83 5.30 -20.78
CA SER A 191 -5.69 5.72 -21.89
C SER A 191 -7.08 6.11 -21.45
N HIS A 192 -7.44 5.74 -20.22
CA HIS A 192 -8.75 6.05 -19.65
C HIS A 192 -8.70 7.31 -18.80
N THR A 193 -7.76 7.34 -17.88
CA THR A 193 -7.59 8.45 -16.95
C THR A 193 -6.88 9.65 -17.57
N HIS A 194 -5.90 9.37 -18.40
CA HIS A 194 -5.10 10.44 -19.00
C HIS A 194 -5.01 10.37 -20.52
N PRO A 195 -6.18 10.35 -21.20
CA PRO A 195 -6.18 10.27 -22.65
C PRO A 195 -5.50 11.44 -23.38
N ARG A 196 -5.39 12.60 -22.73
CA ARG A 196 -4.76 13.74 -23.38
C ARG A 196 -3.24 13.62 -23.35
N ILE A 197 -2.74 12.70 -22.51
CA ILE A 197 -1.31 12.43 -22.40
C ILE A 197 -0.93 11.18 -23.16
N HIS A 198 -1.74 10.12 -23.01
CA HIS A 198 -1.43 8.82 -23.60
C HIS A 198 -2.75 8.21 -24.10
N PRO A 199 -3.25 8.69 -25.25
CA PRO A 199 -4.50 8.18 -25.83
C PRO A 199 -4.58 6.69 -26.17
N ASP A 200 -3.46 6.10 -26.56
CA ASP A 200 -3.47 4.68 -26.92
C ASP A 200 -3.34 3.78 -25.70
N ASN A 201 -3.96 2.60 -25.79
CA ASN A 201 -3.87 1.63 -24.67
C ASN A 201 -2.42 1.17 -24.57
N VAL A 202 -1.87 1.24 -23.36
CA VAL A 202 -0.48 0.84 -23.18
C VAL A 202 -0.22 -0.60 -23.61
N THR A 203 0.94 -0.84 -24.22
CA THR A 203 1.27 -2.20 -24.61
C THR A 203 2.20 -2.80 -23.56
N ALA A 204 2.25 -4.13 -23.51
CA ALA A 204 3.14 -4.79 -22.56
C ALA A 204 4.58 -4.41 -22.89
N LYS A 205 4.92 -4.41 -24.18
CA LYS A 205 6.28 -4.06 -24.59
C LYS A 205 6.65 -2.64 -24.17
N GLU A 206 5.73 -1.71 -24.37
CA GLU A 206 5.98 -0.32 -24.01
C GLU A 206 6.22 -0.19 -22.51
N LEU A 207 5.39 -0.84 -21.71
CA LEU A 207 5.55 -0.74 -20.26
C LEU A 207 6.90 -1.29 -19.80
N ILE A 208 7.33 -2.42 -20.34
CA ILE A 208 8.63 -2.96 -19.94
C ILE A 208 9.76 -2.03 -20.36
N GLU A 209 9.71 -1.56 -21.60
N GLU A 209 9.70 -1.55 -21.60
CA GLU A 209 10.75 -0.67 -22.12
CA GLU A 209 10.73 -0.66 -22.13
C GLU A 209 10.89 0.57 -21.23
C GLU A 209 10.89 0.57 -21.24
N LYS A 210 9.77 1.20 -20.90
CA LYS A 210 9.79 2.38 -20.06
C LYS A 210 10.26 2.09 -18.64
N SER A 211 9.81 0.98 -18.08
CA SER A 211 10.17 0.60 -16.71
C SER A 211 11.67 0.38 -16.61
N VAL A 212 12.23 -0.34 -17.57
CA VAL A 212 13.66 -0.63 -17.58
C VAL A 212 14.44 0.67 -17.76
N ALA A 213 14.03 1.49 -18.72
CA ALA A 213 14.74 2.74 -18.97
C ALA A 213 14.70 3.71 -17.78
N LEU A 214 13.54 3.85 -17.17
CA LEU A 214 13.42 4.76 -16.04
C LEU A 214 14.21 4.23 -14.83
N SER A 215 14.11 2.93 -14.58
CA SER A 215 14.86 2.35 -13.45
C SER A 215 16.36 2.59 -13.62
N LYS A 216 16.87 2.31 -14.82
CA LYS A 216 18.30 2.53 -15.07
C LYS A 216 18.67 3.99 -14.81
N ALA A 217 17.84 4.89 -15.31
CA ALA A 217 18.09 6.32 -15.14
C ALA A 217 18.13 6.70 -13.66
N VAL A 218 17.17 6.18 -12.89
CA VAL A 218 17.11 6.48 -11.48
C VAL A 218 18.29 5.92 -10.71
N LYS A 219 18.63 4.66 -10.96
CA LYS A 219 19.72 4.03 -10.23
C LYS A 219 21.10 4.55 -10.56
N LYS A 220 21.24 5.24 -11.68
CA LYS A 220 22.54 5.83 -12.01
C LYS A 220 22.76 7.03 -11.07
N VAL A 221 21.66 7.65 -10.64
CA VAL A 221 21.72 8.80 -9.74
C VAL A 221 21.74 8.33 -8.27
N ASP A 222 20.85 7.39 -7.95
CA ASP A 222 20.77 6.86 -6.59
C ASP A 222 20.70 5.34 -6.67
N PRO A 223 21.85 4.69 -6.59
CA PRO A 223 21.90 3.23 -6.67
C PRO A 223 21.22 2.53 -5.50
N TYR A 224 20.90 3.29 -4.45
CA TYR A 224 20.26 2.72 -3.28
C TYR A 224 18.75 2.82 -3.29
N ALA A 225 18.22 3.62 -4.22
CA ALA A 225 16.78 3.82 -4.32
C ALA A 225 16.06 2.55 -4.79
N GLU A 226 14.88 2.30 -4.22
CA GLU A 226 14.12 1.12 -4.63
C GLU A 226 13.10 1.53 -5.68
N ILE A 227 13.02 0.73 -6.74
CA ILE A 227 12.08 0.98 -7.82
C ILE A 227 10.86 0.10 -7.64
N PHE A 228 9.69 0.74 -7.68
CA PHE A 228 8.38 0.09 -7.52
C PHE A 228 7.64 0.10 -8.85
N GLY A 229 7.05 -1.05 -9.20
CA GLY A 229 6.28 -1.13 -10.42
C GLY A 229 5.44 -2.40 -10.43
N PRO A 230 4.37 -2.46 -11.24
CA PRO A 230 3.91 -1.43 -12.17
C PRO A 230 2.76 -0.55 -11.66
N ALA A 231 2.42 -0.68 -10.38
CA ALA A 231 1.33 0.09 -9.78
C ALA A 231 0.02 -0.18 -10.53
N LEU A 232 -0.26 -1.46 -10.73
CA LEU A 232 -1.46 -1.90 -11.46
C LEU A 232 -2.72 -1.60 -10.65
N TYR A 233 -3.73 -1.11 -11.34
CA TYR A 233 -4.97 -0.70 -10.71
C TYR A 233 -5.83 -1.78 -10.09
N GLY A 234 -5.78 -2.98 -10.65
CA GLY A 234 -6.62 -4.04 -10.15
C GLY A 234 -6.42 -5.32 -10.93
N PHE A 235 -7.20 -6.32 -10.57
CA PHE A 235 -7.03 -7.63 -11.17
C PHE A 235 -6.95 -7.76 -12.68
N ALA A 236 -7.79 -7.05 -13.42
CA ALA A 236 -7.74 -7.16 -14.88
C ALA A 236 -6.36 -6.73 -15.42
N ALA A 237 -5.71 -5.79 -14.73
CA ALA A 237 -4.39 -5.35 -15.15
C ALA A 237 -3.36 -6.41 -14.73
N TYR A 238 -3.57 -7.04 -13.57
CA TYR A 238 -2.67 -8.10 -13.12
C TYR A 238 -2.70 -9.23 -14.15
N GLU A 239 -3.89 -9.52 -14.67
CA GLU A 239 -4.01 -10.65 -15.58
C GLU A 239 -3.56 -10.43 -17.02
N THR A 240 -4.04 -9.37 -17.64
CA THR A 240 -3.72 -9.10 -19.04
C THR A 240 -3.34 -7.65 -19.33
N LEU A 241 -3.00 -6.88 -18.30
CA LEU A 241 -2.69 -5.47 -18.49
C LEU A 241 -3.87 -4.82 -19.22
N GLN A 242 -5.08 -5.16 -18.76
CA GLN A 242 -6.33 -4.63 -19.30
C GLN A 242 -6.44 -4.91 -20.80
N SER A 243 -6.29 -6.18 -21.15
CA SER A 243 -6.37 -6.60 -22.55
C SER A 243 -5.41 -5.81 -23.44
N ALA A 244 -4.15 -5.70 -23.00
CA ALA A 244 -3.13 -4.95 -23.74
C ALA A 244 -3.11 -5.40 -25.20
N PRO A 245 -3.01 -4.44 -26.14
CA PRO A 245 -3.00 -4.75 -27.57
C PRO A 245 -2.05 -5.85 -28.02
N ASP A 246 -0.91 -5.99 -27.34
CA ASP A 246 0.07 -7.01 -27.72
C ASP A 246 0.14 -8.20 -26.77
N TRP A 247 -0.81 -8.31 -25.85
CA TRP A 247 -0.75 -9.43 -24.90
C TRP A 247 -0.90 -10.79 -25.56
N GLY A 248 -1.58 -10.84 -26.71
CA GLY A 248 -1.76 -12.10 -27.40
C GLY A 248 -0.42 -12.70 -27.81
N THR A 249 0.55 -11.85 -28.12
CA THR A 249 1.87 -12.29 -28.52
C THR A 249 2.85 -12.30 -27.34
N GLU A 250 2.96 -11.17 -26.65
CA GLU A 250 3.87 -11.08 -25.51
C GLU A 250 3.55 -12.06 -24.39
N GLY A 251 2.27 -12.31 -24.18
CA GLY A 251 1.87 -13.21 -23.09
C GLY A 251 1.92 -14.69 -23.35
N GLU A 252 2.35 -15.09 -24.55
CA GLU A 252 2.40 -16.51 -24.86
C GLU A 252 3.28 -17.25 -23.84
N GLY A 253 2.71 -18.24 -23.17
CA GLY A 253 3.47 -19.02 -22.20
C GLY A 253 3.42 -18.51 -20.76
N TYR A 254 2.77 -17.38 -20.54
CA TYR A 254 2.68 -16.79 -19.20
C TYR A 254 1.26 -16.93 -18.67
N ARG A 255 1.14 -17.30 -17.39
CA ARG A 255 -0.16 -17.48 -16.76
C ARG A 255 -0.92 -16.16 -16.64
N TRP A 256 -0.17 -15.08 -16.38
CA TRP A 256 -0.74 -13.74 -16.29
C TRP A 256 0.36 -12.69 -16.46
N PHE A 257 -0.07 -11.43 -16.64
CA PHE A 257 0.86 -10.35 -16.87
C PHE A 257 1.87 -10.20 -15.74
N ILE A 258 1.44 -10.49 -14.51
CA ILE A 258 2.34 -10.41 -13.36
C ILE A 258 3.62 -11.22 -13.63
N ASP A 259 3.47 -12.44 -14.15
CA ASP A 259 4.62 -13.28 -14.46
C ASP A 259 5.50 -12.70 -15.56
N TYR A 260 4.88 -12.15 -16.60
CA TYR A 260 5.61 -11.55 -17.72
C TYR A 260 6.42 -10.36 -17.21
N TYR A 261 5.79 -9.52 -16.38
CA TYR A 261 6.46 -8.33 -15.85
C TYR A 261 7.67 -8.74 -15.03
N LEU A 262 7.49 -9.68 -14.11
CA LEU A 262 8.59 -10.13 -13.28
C LEU A 262 9.72 -10.73 -14.13
N ASP A 263 9.34 -11.64 -15.03
CA ASP A 263 10.32 -12.29 -15.89
C ASP A 263 11.11 -11.32 -16.77
N LYS A 264 10.42 -10.35 -17.38
CA LYS A 264 11.10 -9.39 -18.24
C LYS A 264 11.96 -8.41 -17.46
N MET A 265 11.52 -8.04 -16.26
CA MET A 265 12.32 -7.13 -15.46
C MET A 265 13.56 -7.89 -14.96
N LYS A 266 13.40 -9.17 -14.66
CA LYS A 266 14.52 -10.01 -14.21
C LYS A 266 15.52 -10.14 -15.37
N LYS A 267 15.00 -10.39 -16.56
CA LYS A 267 15.87 -10.53 -17.73
C LYS A 267 16.65 -9.25 -18.03
N ALA A 268 15.99 -8.09 -17.91
CA ALA A 268 16.65 -6.82 -18.14
C ALA A 268 17.70 -6.56 -17.07
N SER A 269 17.38 -6.96 -15.84
CA SER A 269 18.30 -6.77 -14.73
C SER A 269 19.52 -7.67 -14.94
N ASP A 270 19.30 -8.89 -15.41
CA ASP A 270 20.40 -9.82 -15.65
C ASP A 270 21.32 -9.27 -16.75
N GLU A 271 20.73 -8.63 -17.75
CA GLU A 271 21.52 -8.07 -18.85
C GLU A 271 22.27 -6.82 -18.39
N GLU A 272 21.63 -6.00 -17.57
CA GLU A 272 22.22 -4.77 -17.06
C GLU A 272 23.31 -5.00 -16.00
N GLY A 273 23.13 -6.03 -15.18
CA GLY A 273 24.11 -6.30 -14.15
C GLY A 273 23.69 -5.82 -12.76
N LYS A 274 22.43 -5.42 -12.62
CA LYS A 274 21.93 -5.00 -11.31
C LYS A 274 20.41 -5.07 -11.28
N ARG A 275 19.84 -5.19 -10.09
CA ARG A 275 18.39 -5.27 -9.93
C ARG A 275 17.72 -3.97 -10.36
N LEU A 276 16.76 -4.08 -11.29
CA LEU A 276 16.04 -2.92 -11.79
C LEU A 276 14.62 -2.82 -11.24
N LEU A 277 14.12 -3.91 -10.67
CA LEU A 277 12.80 -3.92 -10.03
C LEU A 277 13.03 -4.37 -8.58
N ASP A 278 12.71 -3.51 -7.63
CA ASP A 278 12.89 -3.88 -6.24
C ASP A 278 11.60 -4.33 -5.59
N VAL A 279 10.50 -3.70 -5.99
CA VAL A 279 9.22 -4.01 -5.38
C VAL A 279 8.10 -4.15 -6.40
N LEU A 280 7.44 -5.31 -6.42
CA LEU A 280 6.28 -5.52 -7.30
C LEU A 280 5.19 -4.75 -6.57
N ASP A 281 4.60 -3.77 -7.26
CA ASP A 281 3.62 -2.88 -6.66
C ASP A 281 2.27 -2.94 -7.36
N VAL A 282 1.21 -3.23 -6.61
CA VAL A 282 -0.14 -3.31 -7.17
C VAL A 282 -1.15 -2.62 -6.25
N HIS A 283 -2.31 -2.29 -6.81
CA HIS A 283 -3.40 -1.66 -6.06
C HIS A 283 -4.47 -2.74 -5.93
N TRP A 284 -5.08 -2.82 -4.75
CA TRP A 284 -6.10 -3.81 -4.47
C TRP A 284 -7.31 -3.21 -3.77
N TYR A 285 -8.34 -2.91 -4.54
CA TYR A 285 -9.59 -2.43 -3.97
C TYR A 285 -10.46 -3.65 -4.07
N PRO A 286 -10.86 -4.22 -2.93
CA PRO A 286 -11.69 -5.43 -2.99
C PRO A 286 -12.96 -5.31 -3.82
N GLU A 287 -13.23 -6.38 -4.57
CA GLU A 287 -14.45 -6.44 -5.39
C GLU A 287 -15.54 -7.20 -4.62
N ALA A 288 -15.18 -7.71 -3.45
CA ALA A 288 -16.11 -8.45 -2.59
C ALA A 288 -17.42 -7.68 -2.40
N ARG A 289 -18.53 -8.40 -2.50
CA ARG A 289 -19.86 -7.81 -2.34
C ARG A 289 -20.66 -8.48 -1.24
N GLY A 290 -21.62 -7.75 -0.71
CA GLY A 290 -22.49 -8.26 0.32
C GLY A 290 -23.71 -7.35 0.35
N GLY A 291 -24.88 -7.93 0.60
CA GLY A 291 -26.08 -7.12 0.64
C GLY A 291 -26.31 -6.38 -0.67
N GLY A 292 -25.86 -6.98 -1.77
CA GLY A 292 -26.05 -6.39 -3.09
C GLY A 292 -25.16 -5.23 -3.50
N GLU A 293 -24.05 -5.01 -2.80
CA GLU A 293 -23.15 -3.91 -3.16
C GLU A 293 -21.70 -4.23 -2.83
N ARG A 294 -20.78 -3.57 -3.53
CA ARG A 294 -19.35 -3.76 -3.30
C ARG A 294 -19.05 -3.20 -1.90
N ILE A 295 -18.10 -3.79 -1.17
CA ILE A 295 -17.81 -3.28 0.18
C ILE A 295 -17.11 -1.92 0.25
N CYS A 296 -16.58 -1.47 -0.89
CA CYS A 296 -15.92 -0.16 -0.94
C CYS A 296 -16.58 0.64 -2.06
N PHE A 297 -16.28 1.94 -2.09
CA PHE A 297 -16.84 2.85 -3.11
C PHE A 297 -18.36 3.00 -3.03
N GLY A 298 -18.81 3.92 -2.17
CA GLY A 298 -20.25 4.15 -2.06
C GLY A 298 -21.05 3.14 -1.26
N ALA A 299 -20.37 2.30 -0.48
CA ALA A 299 -21.06 1.30 0.33
C ALA A 299 -21.83 1.94 1.48
N ASP A 300 -23.04 1.46 1.72
CA ASP A 300 -23.89 1.98 2.79
C ASP A 300 -23.64 1.26 4.12
N PRO A 301 -23.10 1.98 5.13
CA PRO A 301 -22.81 1.43 6.45
C PRO A 301 -24.04 0.90 7.19
N ARG A 302 -25.22 1.18 6.64
CA ARG A 302 -26.45 0.70 7.26
C ARG A 302 -26.79 -0.72 6.79
N ASN A 303 -26.18 -1.12 5.68
CA ASN A 303 -26.42 -2.44 5.10
C ASN A 303 -25.60 -3.49 5.86
N ILE A 304 -26.27 -4.21 6.76
CA ILE A 304 -25.61 -5.22 7.57
C ILE A 304 -24.94 -6.34 6.79
N GLU A 305 -25.56 -6.81 5.71
CA GLU A 305 -24.94 -7.87 4.92
C GLU A 305 -23.63 -7.38 4.29
N THR A 306 -23.60 -6.11 3.89
CA THR A 306 -22.37 -5.55 3.31
C THR A 306 -21.30 -5.47 4.40
N ASN A 307 -21.70 -5.05 5.59
CA ASN A 307 -20.74 -4.94 6.69
C ASN A 307 -20.18 -6.31 7.03
N LYS A 308 -21.05 -7.32 7.04
CA LYS A 308 -20.59 -8.67 7.32
C LYS A 308 -19.64 -9.17 6.22
N ALA A 309 -19.93 -8.82 4.98
CA ALA A 309 -19.06 -9.24 3.88
C ALA A 309 -17.70 -8.54 4.01
N ARG A 310 -17.72 -7.29 4.47
CA ARG A 310 -16.47 -6.53 4.65
C ARG A 310 -15.58 -7.23 5.67
N LEU A 311 -16.19 -7.75 6.74
CA LEU A 311 -15.40 -8.44 7.77
C LEU A 311 -14.71 -9.69 7.25
N GLN A 312 -15.32 -10.38 6.30
CA GLN A 312 -14.73 -11.60 5.75
C GLN A 312 -13.80 -11.35 4.56
N ALA A 313 -13.98 -10.24 3.86
CA ALA A 313 -13.20 -9.95 2.66
C ALA A 313 -11.68 -10.09 2.76
N PRO A 314 -11.07 -9.72 3.89
CA PRO A 314 -9.62 -9.86 3.99
C PRO A 314 -9.13 -11.28 3.74
N ARG A 315 -10.02 -12.26 3.94
CA ARG A 315 -9.65 -13.65 3.71
C ARG A 315 -9.28 -13.93 2.25
N THR A 316 -9.78 -13.11 1.33
CA THR A 316 -9.41 -13.33 -0.07
C THR A 316 -7.91 -13.14 -0.26
N LEU A 317 -7.31 -12.39 0.65
CA LEU A 317 -5.87 -12.16 0.56
C LEU A 317 -5.02 -13.39 0.88
N TRP A 318 -5.51 -14.28 1.74
CA TRP A 318 -4.68 -15.42 2.18
C TRP A 318 -5.30 -16.80 2.33
N ASP A 319 -6.60 -16.86 2.51
CA ASP A 319 -7.32 -18.10 2.79
C ASP A 319 -7.78 -18.90 1.59
N PRO A 320 -7.17 -20.07 1.37
CA PRO A 320 -7.52 -20.93 0.24
C PRO A 320 -8.97 -21.40 0.28
N THR A 321 -9.58 -21.41 1.46
CA THR A 321 -10.95 -21.89 1.58
C THR A 321 -12.04 -20.83 1.37
N TYR A 322 -11.64 -19.58 1.27
CA TYR A 322 -12.62 -18.51 1.14
C TYR A 322 -12.86 -18.02 -0.29
N ILE A 323 -14.13 -18.03 -0.68
CA ILE A 323 -14.53 -17.58 -2.01
C ILE A 323 -15.52 -16.43 -1.83
N GLU A 324 -15.08 -15.23 -2.13
CA GLU A 324 -15.93 -14.05 -1.99
C GLU A 324 -16.95 -13.98 -3.12
N ASP A 325 -17.94 -13.12 -2.92
CA ASP A 325 -18.97 -12.89 -3.91
C ASP A 325 -18.50 -11.73 -4.79
N SER A 326 -17.86 -12.06 -5.91
CA SER A 326 -17.39 -11.03 -6.86
C SER A 326 -17.01 -11.76 -8.14
N TRP A 327 -16.75 -11.00 -9.20
CA TRP A 327 -16.36 -11.61 -10.47
C TRP A 327 -15.02 -12.31 -10.33
N ILE A 328 -14.19 -11.82 -9.41
CA ILE A 328 -12.89 -12.44 -9.19
C ILE A 328 -13.07 -13.78 -8.46
N GLY A 329 -13.91 -13.78 -7.43
CA GLY A 329 -14.15 -15.01 -6.69
C GLY A 329 -14.83 -16.04 -7.58
N GLN A 330 -15.65 -15.57 -8.49
CA GLN A 330 -16.35 -16.48 -9.38
C GLN A 330 -15.54 -17.02 -10.55
N TRP A 331 -14.87 -16.14 -11.26
N TRP A 331 -14.87 -16.14 -11.26
CA TRP A 331 -14.11 -16.54 -12.45
CA TRP A 331 -14.12 -16.56 -12.44
C TRP A 331 -12.60 -16.70 -12.33
C TRP A 331 -12.60 -16.69 -12.33
N LYS A 332 -12.02 -16.18 -11.26
CA LYS A 332 -10.57 -16.24 -11.12
C LYS A 332 -10.03 -17.01 -9.92
N LYS A 333 -10.69 -18.13 -9.58
CA LYS A 333 -10.24 -18.93 -8.45
C LYS A 333 -8.80 -19.43 -8.58
N ASP A 334 -8.34 -19.60 -9.82
N ASP A 334 -8.34 -19.62 -9.81
CA ASP A 334 -6.99 -20.07 -10.08
CA ASP A 334 -6.98 -20.10 -10.02
C ASP A 334 -5.95 -19.07 -9.58
C ASP A 334 -5.94 -19.07 -9.57
N PHE A 335 -6.38 -17.84 -9.33
CA PHE A 335 -5.47 -16.78 -8.88
C PHE A 335 -5.71 -16.35 -7.43
N LEU A 336 -6.50 -17.14 -6.70
CA LEU A 336 -6.80 -16.84 -5.30
C LEU A 336 -6.27 -17.97 -4.42
N PRO A 337 -5.88 -17.66 -3.16
CA PRO A 337 -5.88 -16.34 -2.51
C PRO A 337 -4.83 -15.45 -3.20
N ILE A 338 -5.08 -14.16 -3.23
CA ILE A 338 -4.21 -13.28 -3.99
C ILE A 338 -2.78 -13.06 -3.53
N LEU A 339 -2.53 -12.91 -2.22
CA LEU A 339 -1.15 -12.67 -1.82
C LEU A 339 -0.27 -13.89 -2.12
N PRO A 340 -0.74 -15.11 -1.78
CA PRO A 340 0.12 -16.27 -2.07
C PRO A 340 0.40 -16.40 -3.57
N ASN A 341 -0.58 -16.04 -4.40
CA ASN A 341 -0.36 -16.12 -5.84
C ASN A 341 0.65 -15.10 -6.32
N LEU A 342 0.60 -13.88 -5.77
CA LEU A 342 1.60 -12.87 -6.16
C LEU A 342 2.98 -13.29 -5.65
N LEU A 343 3.04 -13.80 -4.43
CA LEU A 343 4.32 -14.21 -3.86
C LEU A 343 4.89 -15.42 -4.61
N ASP A 344 4.01 -16.34 -5.02
CA ASP A 344 4.41 -17.53 -5.77
C ASP A 344 5.05 -17.09 -7.09
N SER A 345 4.43 -16.10 -7.75
CA SER A 345 4.96 -15.59 -9.01
C SER A 345 6.32 -14.97 -8.81
N ILE A 346 6.49 -14.24 -7.71
CA ILE A 346 7.79 -13.64 -7.43
C ILE A 346 8.84 -14.75 -7.25
N GLU A 347 8.47 -15.78 -6.50
CA GLU A 347 9.42 -16.86 -6.24
C GLU A 347 9.82 -17.58 -7.53
N LYS A 348 8.89 -17.68 -8.45
CA LYS A 348 9.15 -18.35 -9.72
C LYS A 348 9.85 -17.53 -10.78
N TYR A 349 9.51 -16.24 -10.87
CA TYR A 349 10.09 -15.40 -11.91
C TYR A 349 11.09 -14.32 -11.56
N TYR A 350 11.14 -13.90 -10.31
CA TYR A 350 12.12 -12.90 -9.90
C TYR A 350 12.29 -12.93 -8.39
N PRO A 351 12.91 -14.01 -7.91
CA PRO A 351 13.16 -14.24 -6.48
C PRO A 351 13.86 -13.02 -5.85
N GLY A 352 13.44 -12.66 -4.65
CA GLY A 352 14.07 -11.52 -3.98
C GLY A 352 13.32 -10.21 -4.14
N THR A 353 12.37 -10.18 -5.08
CA THR A 353 11.56 -9.00 -5.31
C THR A 353 10.57 -8.88 -4.16
N LYS A 354 10.36 -7.66 -3.68
CA LYS A 354 9.44 -7.40 -2.58
C LYS A 354 8.04 -7.17 -3.12
N LEU A 355 7.05 -7.17 -2.23
CA LEU A 355 5.66 -6.97 -2.64
C LEU A 355 5.04 -5.80 -1.90
N ALA A 356 4.38 -4.89 -2.61
CA ALA A 356 3.74 -3.76 -1.96
C ALA A 356 2.33 -3.55 -2.48
N ILE A 357 1.42 -3.13 -1.60
CA ILE A 357 0.05 -2.83 -2.00
C ILE A 357 -0.03 -1.33 -1.77
N THR A 358 0.23 -0.57 -2.84
CA THR A 358 0.29 0.87 -2.71
C THR A 358 -1.01 1.66 -2.69
N GLU A 359 -2.12 0.98 -2.95
CA GLU A 359 -3.45 1.58 -2.81
C GLU A 359 -4.41 0.46 -2.43
N TYR A 360 -5.27 0.72 -1.45
CA TYR A 360 -6.29 -0.26 -1.05
C TYR A 360 -7.27 0.46 -0.13
N ASP A 361 -8.46 -0.10 0.00
CA ASP A 361 -9.49 0.47 0.87
C ASP A 361 -10.58 -0.57 0.99
N TYR A 362 -10.85 -1.03 2.21
CA TYR A 362 -11.89 -2.03 2.40
C TYR A 362 -13.24 -1.41 2.69
N GLY A 363 -13.29 -0.08 2.65
CA GLY A 363 -14.54 0.63 2.86
C GLY A 363 -15.02 0.67 4.30
N GLY A 364 -16.23 1.18 4.50
CA GLY A 364 -16.78 1.28 5.85
C GLY A 364 -15.83 2.02 6.76
N GLY A 365 -15.09 2.96 6.19
CA GLY A 365 -14.10 3.73 6.93
C GLY A 365 -14.57 4.41 8.21
N ASN A 366 -15.85 4.75 8.27
CA ASN A 366 -16.40 5.41 9.45
C ASN A 366 -17.31 4.44 10.22
N HIS A 367 -17.09 3.14 10.03
CA HIS A 367 -17.89 2.11 10.68
C HIS A 367 -16.96 1.11 11.34
N ILE A 368 -17.41 0.52 12.45
CA ILE A 368 -16.58 -0.45 13.16
C ILE A 368 -16.04 -1.55 12.23
N THR A 369 -16.83 -2.01 11.26
CA THR A 369 -16.34 -3.07 10.37
C THR A 369 -15.19 -2.61 9.47
N GLY A 370 -15.12 -1.31 9.20
CA GLY A 370 -14.02 -0.80 8.40
C GLY A 370 -12.76 -0.84 9.24
N GLY A 371 -12.95 -0.62 10.54
CA GLY A 371 -11.83 -0.64 11.48
C GLY A 371 -11.33 -2.05 11.70
N ILE A 372 -12.25 -2.98 11.89
CA ILE A 372 -11.86 -4.38 12.11
C ILE A 372 -11.23 -4.95 10.84
N ALA A 373 -11.83 -4.68 9.67
CA ALA A 373 -11.22 -5.18 8.43
C ALA A 373 -9.83 -4.56 8.23
N GLN A 374 -9.67 -3.27 8.55
CA GLN A 374 -8.37 -2.63 8.38
C GLN A 374 -7.33 -3.31 9.27
N ALA A 375 -7.70 -3.60 10.51
CA ALA A 375 -6.78 -4.26 11.46
C ALA A 375 -6.44 -5.67 10.97
N ASP A 376 -7.43 -6.35 10.38
CA ASP A 376 -7.22 -7.69 9.85
C ASP A 376 -6.21 -7.65 8.69
N VAL A 377 -6.46 -6.74 7.75
CA VAL A 377 -5.59 -6.58 6.58
C VAL A 377 -4.15 -6.29 6.99
N LEU A 378 -3.95 -5.43 7.97
CA LEU A 378 -2.60 -5.12 8.41
C LEU A 378 -1.93 -6.33 9.07
N GLY A 379 -2.71 -7.15 9.76
CA GLY A 379 -2.15 -8.34 10.38
C GLY A 379 -1.73 -9.31 9.28
N ILE A 380 -2.55 -9.41 8.24
CA ILE A 380 -2.27 -10.29 7.12
C ILE A 380 -1.03 -9.80 6.36
N PHE A 381 -0.94 -8.50 6.10
CA PHE A 381 0.23 -7.96 5.40
C PHE A 381 1.51 -8.32 6.17
N GLY A 382 1.43 -8.17 7.49
CA GLY A 382 2.58 -8.47 8.32
C GLY A 382 2.95 -9.94 8.33
N LYS A 383 1.95 -10.78 8.48
CA LYS A 383 2.16 -12.22 8.55
C LYS A 383 2.64 -12.83 7.24
N TYR A 384 2.12 -12.34 6.12
CA TYR A 384 2.52 -12.91 4.84
C TYR A 384 3.71 -12.26 4.13
N GLY A 385 4.34 -11.30 4.78
CA GLY A 385 5.53 -10.72 4.18
C GLY A 385 5.43 -9.55 3.24
N VAL A 386 4.30 -8.85 3.24
CA VAL A 386 4.19 -7.67 2.38
C VAL A 386 5.22 -6.66 2.90
N TYR A 387 5.88 -5.97 1.96
CA TYR A 387 6.94 -5.02 2.29
C TYR A 387 6.47 -3.60 2.63
N LEU A 388 5.51 -3.10 1.87
CA LEU A 388 5.00 -1.75 2.07
C LEU A 388 3.54 -1.70 1.64
N ALA A 389 2.74 -0.90 2.34
CA ALA A 389 1.34 -0.76 1.99
C ALA A 389 0.92 0.64 2.38
N THR A 390 0.08 1.24 1.55
CA THR A 390 -0.40 2.59 1.76
C THR A 390 -1.89 2.67 1.45
N PHE A 391 -2.67 2.90 2.50
CA PHE A 391 -4.11 3.03 2.40
C PHE A 391 -4.44 4.27 1.55
N TRP A 392 -5.49 4.17 0.74
CA TRP A 392 -5.97 5.28 -0.07
C TRP A 392 -7.31 5.71 0.51
N GLY A 393 -7.33 6.90 1.10
CA GLY A 393 -8.55 7.41 1.72
C GLY A 393 -8.23 8.58 2.63
N ASP A 394 -9.22 9.43 2.91
CA ASP A 394 -8.94 10.59 3.74
C ASP A 394 -9.18 10.45 5.24
N ALA A 395 -8.93 11.54 5.96
CA ALA A 395 -9.06 11.57 7.42
C ALA A 395 -10.46 11.33 8.00
N SER A 396 -11.47 11.24 7.14
CA SER A 396 -12.83 11.01 7.64
C SER A 396 -13.06 9.53 7.95
N ASN A 397 -12.10 8.68 7.59
CA ASN A 397 -12.22 7.24 7.84
C ASN A 397 -11.67 6.98 9.25
N ASN A 398 -12.41 7.45 10.26
CA ASN A 398 -11.96 7.32 11.64
C ASN A 398 -11.72 5.90 12.13
N TYR A 399 -12.54 4.96 11.68
CA TYR A 399 -12.30 3.59 12.13
C TYR A 399 -11.12 2.97 11.39
N THR A 400 -10.92 3.32 10.12
CA THR A 400 -9.76 2.82 9.40
C THR A 400 -8.52 3.32 10.17
N GLU A 401 -8.55 4.59 10.56
CA GLU A 401 -7.43 5.16 11.31
C GLU A 401 -7.22 4.44 12.64
N ALA A 402 -8.30 4.03 13.29
CA ALA A 402 -8.14 3.29 14.55
C ALA A 402 -7.45 1.95 14.24
N GLY A 403 -7.83 1.34 13.12
CA GLY A 403 -7.22 0.08 12.75
C GLY A 403 -5.71 0.22 12.57
N ILE A 404 -5.27 1.35 12.02
CA ILE A 404 -3.86 1.59 11.82
C ILE A 404 -3.19 1.86 13.16
N ASN A 405 -3.76 2.77 13.95
CA ASN A 405 -3.18 3.10 15.25
C ASN A 405 -3.10 1.91 16.20
N LEU A 406 -3.96 0.91 16.00
CA LEU A 406 -3.93 -0.26 16.87
C LEU A 406 -2.56 -0.92 16.73
N TYR A 407 -1.94 -0.79 15.55
CA TYR A 407 -0.62 -1.33 15.29
C TYR A 407 0.53 -0.34 15.50
N THR A 408 0.28 0.92 15.13
CA THR A 408 1.33 1.94 15.17
C THR A 408 1.44 2.87 16.37
N ASN A 409 0.35 3.01 17.12
CA ASN A 409 0.37 3.93 18.27
C ASN A 409 -0.88 3.62 19.10
N TYR A 410 -0.91 2.44 19.70
CA TYR A 410 -2.08 2.00 20.43
C TYR A 410 -2.35 2.68 21.77
N ASP A 411 -1.32 3.26 22.39
CA ASP A 411 -1.48 3.91 23.68
C ASP A 411 -1.37 5.43 23.64
N GLY A 412 -1.22 5.98 22.44
CA GLY A 412 -1.12 7.42 22.29
C GLY A 412 0.26 7.96 22.60
N LYS A 413 1.18 7.09 22.97
CA LYS A 413 2.53 7.53 23.27
C LYS A 413 3.59 6.76 22.49
N GLY A 414 3.19 6.22 21.34
CA GLY A 414 4.14 5.52 20.51
C GLY A 414 4.19 4.01 20.63
N GLY A 415 3.38 3.45 21.51
CA GLY A 415 3.37 2.00 21.69
C GLY A 415 2.98 1.35 20.37
N LYS A 416 3.70 0.30 19.97
CA LYS A 416 3.38 -0.34 18.70
C LYS A 416 3.49 -1.85 18.74
N PHE A 417 2.87 -2.49 17.75
CA PHE A 417 2.90 -3.93 17.62
C PHE A 417 4.36 -4.35 17.43
N GLY A 418 4.69 -5.58 17.80
CA GLY A 418 6.06 -6.07 17.64
C GLY A 418 6.43 -6.15 16.17
N ASP A 419 7.72 -6.15 15.88
CA ASP A 419 8.19 -6.20 14.50
C ASP A 419 8.61 -7.60 14.03
N THR A 420 8.38 -8.60 14.87
CA THR A 420 8.67 -10.00 14.51
C THR A 420 7.41 -10.85 14.69
N SER A 421 6.88 -11.36 13.59
CA SER A 421 5.66 -12.17 13.64
C SER A 421 5.98 -13.54 14.23
N VAL A 422 5.07 -14.10 15.02
CA VAL A 422 5.25 -15.45 15.56
C VAL A 422 3.97 -16.26 15.33
N LYS A 423 4.08 -17.59 15.45
CA LYS A 423 2.93 -18.47 15.22
C LYS A 423 1.75 -18.18 16.13
N CYS A 424 0.59 -17.95 15.51
CA CYS A 424 -0.63 -17.65 16.25
C CYS A 424 -1.79 -18.18 15.40
N GLU A 425 -2.47 -19.20 15.91
CA GLU A 425 -3.58 -19.83 15.22
C GLU A 425 -4.89 -19.73 15.99
N THR A 426 -5.99 -19.54 15.27
CA THR A 426 -7.29 -19.48 15.91
C THR A 426 -8.08 -20.70 15.43
N SER A 427 -9.00 -21.19 16.25
CA SER A 427 -9.79 -22.35 15.85
C SER A 427 -11.02 -21.95 15.02
N ASP A 428 -11.26 -20.65 14.85
CA ASP A 428 -12.42 -20.23 14.06
C ASP A 428 -12.05 -18.97 13.28
N ILE A 429 -11.62 -19.14 12.03
CA ILE A 429 -11.20 -18.00 11.22
C ILE A 429 -12.34 -17.15 10.69
N GLU A 430 -13.58 -17.61 10.85
CA GLU A 430 -14.72 -16.83 10.38
C GLU A 430 -15.18 -15.81 11.43
N VAL A 431 -15.15 -16.20 12.70
CA VAL A 431 -15.59 -15.29 13.75
C VAL A 431 -14.46 -14.47 14.35
N SER A 432 -13.21 -14.85 14.04
CA SER A 432 -12.09 -14.14 14.64
C SER A 432 -10.82 -14.13 13.81
N SER A 433 -9.90 -13.25 14.22
CA SER A 433 -8.57 -13.20 13.64
C SER A 433 -7.66 -12.88 14.81
N ALA A 434 -6.44 -13.39 14.77
CA ALA A 434 -5.46 -13.11 15.82
C ALA A 434 -4.07 -13.11 15.20
N TYR A 435 -3.27 -12.11 15.58
CA TYR A 435 -1.92 -11.99 15.07
C TYR A 435 -1.02 -11.75 16.27
N ALA A 436 0.12 -12.41 16.31
CA ALA A 436 1.03 -12.22 17.44
C ALA A 436 2.41 -11.79 16.97
N SER A 437 3.11 -11.08 17.85
CA SER A 437 4.45 -10.62 17.52
C SER A 437 5.26 -10.34 18.77
N ILE A 438 6.56 -10.28 18.57
CA ILE A 438 7.50 -9.96 19.64
C ILE A 438 8.40 -8.85 19.08
N VAL A 439 9.32 -8.34 19.90
CA VAL A 439 10.22 -7.28 19.46
C VAL A 439 11.60 -7.86 19.19
N GLY A 440 12.05 -7.76 17.95
CA GLY A 440 13.34 -8.30 17.59
C GLY A 440 13.35 -9.81 17.78
N GLU A 441 14.25 -10.31 18.62
CA GLU A 441 14.34 -11.75 18.87
C GLU A 441 13.90 -12.05 20.31
N ASP A 442 13.41 -11.02 20.99
CA ASP A 442 13.03 -11.10 22.40
C ASP A 442 11.54 -11.26 22.67
N ASP A 443 11.16 -12.36 23.32
CA ASP A 443 9.76 -12.58 23.60
C ASP A 443 9.32 -12.13 25.00
N SER A 444 10.11 -11.28 25.63
N SER A 444 10.11 -11.28 25.63
CA SER A 444 9.77 -10.78 26.97
CA SER A 444 9.76 -10.79 26.96
C SER A 444 8.41 -10.10 26.94
C SER A 444 8.39 -10.12 26.94
N LYS A 445 8.07 -9.47 25.82
CA LYS A 445 6.77 -8.81 25.68
C LYS A 445 6.12 -9.41 24.45
N LEU A 446 4.92 -9.99 24.62
CA LEU A 446 4.21 -10.61 23.54
C LEU A 446 2.99 -9.79 23.18
N HIS A 447 2.93 -9.36 21.92
CA HIS A 447 1.84 -8.54 21.41
C HIS A 447 0.83 -9.40 20.65
N ILE A 448 -0.45 -9.17 20.92
CA ILE A 448 -1.50 -9.92 20.25
C ILE A 448 -2.59 -8.99 19.77
N ILE A 449 -2.89 -9.03 18.47
CA ILE A 449 -4.02 -8.26 17.94
C ILE A 449 -5.13 -9.33 17.90
N LEU A 450 -6.24 -9.06 18.59
CA LEU A 450 -7.35 -10.00 18.64
C LEU A 450 -8.59 -9.31 18.13
N LEU A 451 -9.18 -9.87 17.08
CA LEU A 451 -10.36 -9.30 16.45
C LEU A 451 -11.57 -10.21 16.57
N ASN A 452 -12.65 -9.68 17.16
CA ASN A 452 -13.86 -10.47 17.25
C ASN A 452 -14.81 -9.96 16.17
N LYS A 453 -15.05 -10.81 15.18
CA LYS A 453 -15.90 -10.45 14.05
C LYS A 453 -17.37 -10.84 14.29
N ASN A 454 -17.64 -11.43 15.45
CA ASN A 454 -19.00 -11.83 15.81
C ASN A 454 -19.83 -10.55 15.78
N TYR A 455 -20.89 -10.51 14.97
CA TYR A 455 -21.67 -9.29 14.86
C TYR A 455 -22.52 -8.85 16.06
N ASP A 456 -23.11 -9.79 16.76
CA ASP A 456 -23.97 -9.40 17.87
C ASP A 456 -23.85 -10.22 19.14
N GLN A 457 -22.75 -10.92 19.28
N GLN A 457 -22.76 -10.94 19.28
CA GLN A 457 -22.53 -11.75 20.45
CA GLN A 457 -22.55 -11.74 20.48
C GLN A 457 -21.06 -11.70 20.86
C GLN A 457 -21.08 -11.69 20.86
N PRO A 458 -20.77 -11.79 22.17
CA PRO A 458 -19.38 -11.74 22.61
C PRO A 458 -18.78 -13.07 22.17
N THR A 459 -17.46 -13.17 22.21
CA THR A 459 -16.79 -14.43 21.88
C THR A 459 -15.80 -14.65 23.00
N THR A 460 -15.77 -15.87 23.52
CA THR A 460 -14.84 -16.22 24.58
C THR A 460 -13.63 -16.91 23.97
N PHE A 461 -12.45 -16.38 24.27
CA PHE A 461 -11.22 -16.91 23.74
C PHE A 461 -10.38 -17.56 24.81
N ASN A 462 -10.02 -18.81 24.58
CA ASN A 462 -9.16 -19.55 25.50
C ASN A 462 -7.76 -19.54 24.87
N PHE A 463 -6.85 -18.83 25.51
CA PHE A 463 -5.47 -18.72 25.04
C PHE A 463 -4.52 -19.73 25.65
N SER A 464 -3.65 -20.28 24.81
N SER A 464 -3.65 -20.28 24.81
CA SER A 464 -2.63 -21.24 25.22
CA SER A 464 -2.62 -21.22 25.25
C SER A 464 -1.35 -20.77 24.54
C SER A 464 -1.37 -20.74 24.55
N ILE A 465 -0.37 -20.35 25.34
CA ILE A 465 0.87 -19.85 24.79
C ILE A 465 2.11 -20.66 25.17
N ASP A 466 2.95 -20.91 24.17
CA ASP A 466 4.21 -21.62 24.37
C ASP A 466 5.28 -20.54 24.24
N SER A 467 5.97 -20.26 25.34
CA SER A 467 7.01 -19.23 25.35
C SER A 467 8.08 -19.60 26.36
N SER A 468 9.25 -18.97 26.24
CA SER A 468 10.33 -19.25 27.17
C SER A 468 10.08 -18.39 28.42
N LYS A 469 9.15 -17.46 28.30
CA LYS A 469 8.80 -16.55 29.40
C LYS A 469 7.45 -16.95 30.00
N ASN A 470 7.26 -16.63 31.28
CA ASN A 470 6.00 -16.91 31.95
C ASN A 470 5.29 -15.58 32.12
N TYR A 471 4.28 -15.33 31.30
CA TYR A 471 3.54 -14.08 31.33
C TYR A 471 2.63 -14.01 32.55
N THR A 472 2.59 -12.84 33.17
CA THR A 472 1.80 -12.63 34.37
C THR A 472 0.74 -11.54 34.25
N ILE A 473 0.84 -10.70 33.23
CA ILE A 473 -0.16 -9.67 33.03
C ILE A 473 -0.28 -9.34 31.57
N GLY A 474 -1.48 -8.99 31.17
CA GLY A 474 -1.74 -8.62 29.80
C GLY A 474 -2.51 -7.33 29.78
N ASN A 475 -1.86 -6.24 29.40
CA ASN A 475 -2.56 -4.97 29.32
C ASN A 475 -3.32 -4.95 28.01
N VAL A 476 -4.45 -4.25 27.98
CA VAL A 476 -5.30 -4.25 26.79
C VAL A 476 -5.74 -2.88 26.33
N TRP A 477 -5.71 -2.68 25.02
CA TRP A 477 -6.18 -1.44 24.41
C TRP A 477 -7.16 -1.90 23.33
N ALA A 478 -8.26 -1.18 23.16
CA ALA A 478 -9.23 -1.61 22.15
C ALA A 478 -10.14 -0.51 21.63
N PHE A 479 -10.75 -0.79 20.47
CA PHE A 479 -11.77 0.11 19.95
C PHE A 479 -12.98 -0.75 19.62
N ASP A 480 -14.15 -0.13 19.53
CA ASP A 480 -15.39 -0.85 19.28
C ASP A 480 -16.43 0.13 18.77
N ARG A 481 -17.69 -0.28 18.75
CA ARG A 481 -18.74 0.61 18.28
C ARG A 481 -18.97 1.84 19.14
N GLY A 482 -18.56 1.77 20.41
CA GLY A 482 -18.74 2.93 21.27
C GLY A 482 -17.88 4.10 20.82
N SER A 483 -16.69 3.80 20.30
CA SER A 483 -15.78 4.85 19.87
C SER A 483 -14.63 4.31 19.04
N SER A 484 -14.17 5.12 18.09
CA SER A 484 -13.03 4.72 17.28
C SER A 484 -11.75 5.11 18.05
N ASN A 485 -11.91 5.83 19.16
CA ASN A 485 -10.73 6.17 19.97
C ASN A 485 -10.30 4.87 20.64
N ILE A 486 -9.00 4.58 20.62
CA ILE A 486 -8.48 3.37 21.26
C ILE A 486 -8.34 3.68 22.74
N THR A 487 -8.97 2.88 23.58
CA THR A 487 -8.90 3.12 25.03
C THR A 487 -8.35 1.92 25.78
N GLN A 488 -7.63 2.19 26.88
CA GLN A 488 -7.08 1.11 27.67
C GLN A 488 -8.20 0.45 28.45
N ARG A 489 -8.15 -0.87 28.53
CA ARG A 489 -9.16 -1.65 29.22
C ARG A 489 -8.56 -2.31 30.45
N THR A 490 -9.40 -2.98 31.22
CA THR A 490 -8.92 -3.65 32.41
C THR A 490 -7.90 -4.72 32.00
N PRO A 491 -6.76 -4.79 32.70
CA PRO A 491 -5.77 -5.81 32.33
C PRO A 491 -6.17 -7.25 32.64
N ILE A 492 -5.59 -8.17 31.88
CA ILE A 492 -5.76 -9.61 32.05
C ILE A 492 -4.74 -9.98 33.14
N VAL A 493 -5.21 -10.59 34.24
CA VAL A 493 -4.28 -10.92 35.32
C VAL A 493 -4.24 -12.37 35.77
N ASN A 494 -5.20 -13.18 35.36
CA ASN A 494 -5.15 -14.54 35.83
C ASN A 494 -4.65 -15.48 34.75
N ILE A 495 -3.33 -15.51 34.63
CA ILE A 495 -2.67 -16.33 33.65
C ILE A 495 -2.04 -17.50 34.39
N LYS A 496 -2.44 -18.70 34.00
CA LYS A 496 -1.95 -19.92 34.65
C LYS A 496 -1.12 -20.73 33.65
N ASP A 497 0.18 -20.80 33.87
CA ASP A 497 1.05 -21.56 32.99
C ASP A 497 0.84 -21.11 31.55
N ASN A 498 0.82 -19.78 31.38
CA ASN A 498 0.61 -19.15 30.08
C ASN A 498 -0.70 -19.49 29.38
N THR A 499 -1.76 -19.68 30.17
CA THR A 499 -3.07 -19.91 29.59
C THR A 499 -4.00 -18.93 30.29
N PHE A 500 -5.03 -18.48 29.58
CA PHE A 500 -6.03 -17.58 30.17
C PHE A 500 -7.22 -17.54 29.25
N THR A 501 -8.35 -17.08 29.79
CA THR A 501 -9.59 -16.99 29.03
C THR A 501 -10.00 -15.53 29.04
N TYR A 502 -10.39 -15.02 27.87
CA TYR A 502 -10.76 -13.63 27.76
C TYR A 502 -11.95 -13.50 26.82
N THR A 503 -13.04 -12.97 27.35
CA THR A 503 -14.25 -12.77 26.57
C THR A 503 -14.28 -11.33 26.07
N VAL A 504 -14.46 -11.20 24.76
CA VAL A 504 -14.49 -9.93 24.05
C VAL A 504 -15.88 -9.65 23.51
N PRO A 505 -16.39 -8.42 23.69
CA PRO A 505 -17.72 -8.07 23.18
C PRO A 505 -17.77 -8.17 21.65
N ALA A 506 -18.97 -8.23 21.10
CA ALA A 506 -19.13 -8.30 19.66
C ALA A 506 -18.41 -7.11 19.01
N LEU A 507 -17.94 -7.33 17.78
CA LEU A 507 -17.25 -6.31 16.97
C LEU A 507 -16.31 -5.41 17.75
N THR A 508 -15.24 -6.02 18.26
CA THR A 508 -14.24 -5.32 19.04
C THR A 508 -12.87 -5.73 18.51
N ALA A 509 -11.95 -4.78 18.48
CA ALA A 509 -10.56 -5.01 18.02
C ALA A 509 -9.68 -4.71 19.23
N CYS A 510 -8.89 -5.69 19.65
CA CYS A 510 -8.02 -5.53 20.83
C CYS A 510 -6.55 -5.69 20.51
N HIS A 511 -5.72 -5.04 21.33
CA HIS A 511 -4.27 -5.19 21.24
C HIS A 511 -3.89 -5.54 22.68
N ILE A 512 -3.43 -6.77 22.88
CA ILE A 512 -3.03 -7.24 24.20
C ILE A 512 -1.50 -7.26 24.26
N VAL A 513 -0.93 -6.80 25.37
CA VAL A 513 0.52 -6.81 25.52
C VAL A 513 0.81 -7.59 26.79
N LEU A 514 1.36 -8.78 26.62
CA LEU A 514 1.69 -9.67 27.73
C LEU A 514 3.13 -9.46 28.18
N GLU A 515 3.35 -9.46 29.49
CA GLU A 515 4.68 -9.28 30.05
C GLU A 515 4.84 -10.20 31.25
#